data_5SRC
#
_entry.id   5SRC
#
_cell.length_a   88.677
_cell.length_b   88.677
_cell.length_c   39.227
_cell.angle_alpha   90.000
_cell.angle_beta   90.000
_cell.angle_gamma   90.000
#
_symmetry.space_group_name_H-M   'P 43'
#
loop_
_entity.id
_entity.type
_entity.pdbx_description
1 polymer 'Non-structural protein 3'
2 non-polymer '(2R)-[(3R)-1-(7-fluoro-9H-pyrimido[4,5-b]indol-4-yl)piperidin-3-yl](hydroxy)acetic acid'
3 non-polymer '(2S)-[(3R)-1-(7-fluoro-9H-pyrimido[4,5-b]indol-4-yl)piperidin-3-yl](hydroxy)acetic acid'
4 water water
#
_entity_poly.entity_id   1
_entity_poly.type   'polypeptide(L)'
_entity_poly.pdbx_seq_one_letter_code
;SMVNSFSGYLKLTDNVYIKNADIVEEAKKVKPTVVVNAANVYLKHGGGVAGALNKATNNAMQVESDDYIATNGPLKVGGS
CVLSGHNLAKHCLHVVGPNVNKGEDIQLLKSAYENFNQHEVLLAPLLSAGIFGADPIHSLRVCVDTVRTNVYLAVFDKNL
YDKLVSSFL
;
_entity_poly.pdbx_strand_id   A,B
#
# COMPACT_ATOMS: atom_id res chain seq x y z
N VAL A 3 7.57 -10.89 -21.27
N VAL A 3 7.45 -10.91 -21.42
CA VAL A 3 6.35 -11.16 -22.03
CA VAL A 3 6.24 -11.10 -22.20
C VAL A 3 5.30 -11.82 -21.14
C VAL A 3 5.19 -11.88 -21.38
N ASN A 4 4.07 -11.32 -21.21
N ASN A 4 4.04 -11.24 -21.13
CA ASN A 4 2.95 -11.90 -20.48
CA ASN A 4 2.90 -11.85 -20.44
C ASN A 4 1.78 -12.12 -21.43
C ASN A 4 1.75 -12.09 -21.43
N SER A 5 0.69 -12.68 -20.89
N SER A 5 0.60 -12.51 -20.90
CA SER A 5 -0.42 -13.18 -21.68
CA SER A 5 -0.51 -13.05 -21.68
C SER A 5 -1.54 -12.17 -21.89
C SER A 5 -1.66 -12.05 -21.91
N PHE A 6 -1.41 -10.94 -21.39
N PHE A 6 -1.52 -10.81 -21.45
CA PHE A 6 -2.45 -9.93 -21.59
CA PHE A 6 -2.53 -9.78 -21.70
C PHE A 6 -2.49 -9.45 -23.05
C PHE A 6 -2.52 -9.36 -23.17
N SER A 7 -3.70 -9.38 -23.64
N SER A 7 -3.71 -9.19 -23.75
CA SER A 7 -3.88 -9.11 -25.08
CA SER A 7 -3.83 -8.96 -25.18
C SER A 7 -4.82 -7.89 -25.38
C SER A 7 -4.88 -7.90 -25.48
N GLY A 8 -4.56 -7.00 -26.41
CA GLY A 8 -5.52 -5.97 -26.84
C GLY A 8 -5.54 -4.70 -26.01
N TYR A 9 -4.52 -4.45 -25.20
CA TYR A 9 -4.49 -3.27 -24.33
C TYR A 9 -3.83 -2.12 -25.04
N LEU A 10 -4.29 -0.96 -24.72
N LEU A 10 -4.32 -0.89 -24.70
CA LEU A 10 -3.62 0.18 -25.17
CA LEU A 10 -3.71 0.38 -25.12
C LEU A 10 -2.64 0.59 -24.08
C LEU A 10 -2.69 0.76 -24.05
N LYS A 11 -1.47 1.07 -24.48
CA LYS A 11 -0.41 1.45 -23.56
C LYS A 11 -0.57 2.93 -23.23
N LEU A 12 -0.74 3.28 -21.95
CA LEU A 12 -0.85 4.68 -21.56
C LEU A 12 0.51 5.24 -21.13
N THR A 13 1.30 4.45 -20.41
CA THR A 13 2.62 4.84 -19.90
C THR A 13 3.55 3.63 -19.96
N ASP A 14 4.78 3.74 -19.45
N ASP A 14 4.74 3.85 -19.41
CA ASP A 14 5.70 2.62 -19.36
CA ASP A 14 5.73 2.79 -19.31
C ASP A 14 5.05 1.44 -18.70
C ASP A 14 5.15 1.54 -18.66
N ASN A 15 4.20 1.72 -17.70
CA ASN A 15 3.74 0.61 -16.85
C ASN A 15 2.23 0.46 -16.76
N VAL A 16 1.44 1.36 -17.35
CA VAL A 16 -0.03 1.33 -17.25
C VAL A 16 -0.61 1.05 -18.63
N TYR A 17 -1.50 0.06 -18.69
CA TYR A 17 -2.20 -0.37 -19.89
C TYR A 17 -3.69 -0.40 -19.61
N ILE A 18 -4.51 -0.47 -20.65
N ILE A 18 -4.48 -0.21 -20.68
CA ILE A 18 -5.96 -0.35 -20.44
CA ILE A 18 -5.94 -0.10 -20.54
C ILE A 18 -6.72 -1.01 -21.58
C ILE A 18 -6.64 -0.76 -21.72
N LYS A 19 -7.86 -1.61 -21.25
N LYS A 19 -7.77 -1.40 -21.45
CA LYS A 19 -8.67 -2.36 -22.20
CA LYS A 19 -8.55 -2.17 -22.43
C LYS A 19 -10.14 -2.19 -21.81
C LYS A 19 -10.03 -1.99 -22.05
N ASN A 20 -11.01 -2.17 -22.81
N ASN A 20 -10.91 -1.85 -23.05
CA ASN A 20 -12.45 -2.31 -22.59
CA ASN A 20 -12.35 -1.80 -22.78
C ASN A 20 -12.72 -3.80 -22.44
C ASN A 20 -12.84 -3.24 -22.59
N ALA A 21 -12.96 -4.23 -21.21
N ALA A 21 -12.95 -3.67 -21.33
CA ALA A 21 -13.16 -5.65 -20.95
CA ALA A 21 -13.29 -5.07 -21.04
C ALA A 21 -13.92 -5.83 -19.65
C ALA A 21 -13.89 -5.19 -19.65
N ASP A 22 -14.59 -6.97 -19.56
N ASP A 22 -14.65 -6.28 -19.47
CA ASP A 22 -15.19 -7.43 -18.32
CA ASP A 22 -15.15 -6.68 -18.16
C ASP A 22 -14.09 -8.12 -17.51
C ASP A 22 -14.04 -7.46 -17.45
N ILE A 23 -13.78 -7.57 -16.33
N ILE A 23 -13.58 -6.95 -16.29
CA ILE A 23 -12.67 -8.10 -15.54
CA ILE A 23 -12.47 -7.59 -15.56
C ILE A 23 -12.88 -9.58 -15.19
C ILE A 23 -12.76 -9.06 -15.24
N VAL A 24 -14.13 -10.00 -15.02
N VAL A 24 -14.02 -9.43 -14.99
CA VAL A 24 -14.41 -11.41 -14.73
CA VAL A 24 -14.37 -10.83 -14.71
C VAL A 24 -13.99 -12.27 -15.91
C VAL A 24 -14.05 -11.72 -15.91
N GLU A 25 -14.40 -11.88 -17.11
N GLU A 25 -14.49 -11.31 -17.09
CA GLU A 25 -14.01 -12.61 -18.30
CA GLU A 25 -14.23 -12.08 -18.32
C GLU A 25 -12.54 -12.31 -18.61
C GLU A 25 -12.75 -12.15 -18.65
N GLU A 26 -12.07 -11.05 -18.43
CA GLU A 26 -10.63 -10.91 -18.61
C GLU A 26 -9.87 -11.85 -17.67
N ALA A 27 -10.29 -11.93 -16.40
CA ALA A 27 -9.63 -12.81 -15.45
C ALA A 27 -9.77 -14.29 -15.82
N LYS A 28 -10.97 -14.81 -16.10
N LYS A 28 -11.01 -14.65 -16.23
CA LYS A 28 -11.04 -16.29 -16.36
CA LYS A 28 -11.31 -16.03 -16.65
C LYS A 28 -10.16 -16.75 -17.51
C LYS A 28 -10.49 -16.44 -17.86
N LYS A 29 -9.81 -15.88 -18.45
N LYS A 29 -10.19 -15.49 -18.75
CA LYS A 29 -9.00 -16.23 -19.62
CA LYS A 29 -9.41 -15.78 -19.95
C LYS A 29 -7.51 -16.13 -19.37
C LYS A 29 -7.90 -15.83 -19.66
N VAL A 30 -7.07 -15.12 -18.61
N VAL A 30 -7.39 -14.85 -18.92
CA VAL A 30 -5.65 -14.93 -18.35
CA VAL A 30 -5.96 -14.70 -18.65
C VAL A 30 -5.16 -15.74 -17.17
C VAL A 30 -5.51 -15.54 -17.47
N LYS A 31 -6.01 -15.95 -16.17
N LYS A 31 -6.32 -15.63 -16.40
CA LYS A 31 -5.64 -16.54 -14.90
CA LYS A 31 -5.93 -16.27 -15.16
C LYS A 31 -4.50 -15.69 -14.41
C LYS A 31 -4.62 -15.65 -14.65
N PRO A 32 -4.63 -14.36 -14.35
CA PRO A 32 -3.44 -13.61 -13.95
C PRO A 32 -3.00 -14.04 -12.56
N THR A 33 -1.75 -13.70 -12.24
CA THR A 33 -1.25 -13.91 -10.89
C THR A 33 -2.09 -13.16 -9.86
N VAL A 34 -2.46 -11.91 -10.17
CA VAL A 34 -3.22 -11.06 -9.25
C VAL A 34 -4.35 -10.38 -10.01
N VAL A 35 -5.57 -10.55 -9.53
CA VAL A 35 -6.70 -9.71 -9.90
C VAL A 35 -7.04 -8.83 -8.70
N VAL A 36 -7.28 -7.54 -8.95
CA VAL A 36 -7.69 -6.61 -7.92
C VAL A 36 -9.20 -6.56 -7.82
N ASN A 37 -9.70 -6.66 -6.60
CA ASN A 37 -11.10 -6.40 -6.31
C ASN A 37 -11.28 -5.01 -5.72
N ALA A 38 -12.32 -4.32 -6.17
CA ALA A 38 -12.76 -3.06 -5.59
C ALA A 38 -13.63 -3.37 -4.38
N ALA A 39 -12.96 -3.59 -3.25
CA ALA A 39 -13.60 -4.06 -2.03
C ALA A 39 -14.07 -2.90 -1.16
N ASN A 40 -14.93 -3.23 -0.19
CA ASN A 40 -15.19 -2.37 0.96
C ASN A 40 -14.51 -2.97 2.18
N VAL A 41 -14.51 -2.21 3.28
CA VAL A 41 -13.76 -2.60 4.47
C VAL A 41 -14.26 -3.89 5.09
N TYR A 42 -15.51 -4.26 4.83
CA TYR A 42 -16.13 -5.45 5.40
C TYR A 42 -15.98 -6.66 4.50
N LEU A 43 -15.37 -6.47 3.32
CA LEU A 43 -15.32 -7.51 2.29
C LEU A 43 -16.69 -8.11 2.01
N LYS A 44 -17.73 -7.27 2.01
N LYS A 44 -17.69 -7.23 1.96
CA LYS A 44 -19.08 -7.68 1.62
CA LYS A 44 -19.06 -7.62 1.60
C LYS A 44 -19.21 -7.38 0.13
C LYS A 44 -19.21 -7.37 0.10
N HIS A 45 -19.16 -8.44 -0.68
CA HIS A 45 -19.07 -8.34 -2.13
C HIS A 45 -20.47 -8.42 -2.75
N GLY A 46 -21.19 -7.32 -2.60
N GLY A 46 -21.35 -7.51 -2.34
CA GLY A 46 -22.59 -7.31 -2.99
CA GLY A 46 -22.76 -7.65 -2.74
C GLY A 46 -22.88 -6.86 -4.40
C GLY A 46 -23.03 -7.23 -4.19
N GLY A 47 -22.04 -5.97 -4.93
N GLY A 47 -22.46 -6.11 -4.61
CA GLY A 47 -22.33 -5.38 -6.22
CA GLY A 47 -22.70 -5.58 -5.94
C GLY A 47 -21.09 -4.76 -6.81
C GLY A 47 -21.42 -5.06 -6.58
N GLY A 48 -21.27 -4.14 -7.97
N GLY A 48 -21.56 -4.52 -7.80
CA GLY A 48 -20.13 -3.62 -8.69
CA GLY A 48 -20.41 -3.99 -8.56
C GLY A 48 -19.16 -4.71 -9.08
C GLY A 48 -19.40 -5.08 -8.94
N VAL A 49 -17.89 -4.34 -9.18
N VAL A 49 -18.14 -4.65 -9.14
CA VAL A 49 -16.85 -5.30 -9.51
CA VAL A 49 -17.06 -5.60 -9.47
C VAL A 49 -16.82 -6.42 -8.49
C VAL A 49 -17.00 -6.70 -8.42
N ALA A 50 -16.95 -6.10 -7.21
N ALA A 50 -17.02 -6.30 -7.14
CA ALA A 50 -16.85 -7.13 -6.16
CA ALA A 50 -16.93 -7.26 -6.04
C ALA A 50 -17.97 -8.14 -6.31
C ALA A 50 -18.01 -8.33 -6.16
N GLY A 51 -19.21 -7.68 -6.48
N GLY A 51 -19.25 -7.91 -6.40
CA GLY A 51 -20.31 -8.60 -6.63
CA GLY A 51 -20.33 -8.87 -6.54
C GLY A 51 -20.16 -9.48 -7.85
C GLY A 51 -20.18 -9.71 -7.80
N ALA A 52 -19.63 -8.93 -8.94
N ALA A 52 -19.72 -9.10 -8.89
CA ALA A 52 -19.41 -9.73 -10.15
CA ALA A 52 -19.50 -9.81 -10.14
C ALA A 52 -18.32 -10.73 -9.95
C ALA A 52 -18.30 -10.73 -10.05
N LEU A 53 -17.20 -10.29 -9.41
CA LEU A 53 -16.11 -11.23 -9.16
C LEU A 53 -16.59 -12.34 -8.24
N ASN A 54 -17.27 -11.97 -7.17
CA ASN A 54 -17.72 -12.99 -6.23
C ASN A 54 -18.68 -13.97 -6.89
N LYS A 55 -19.63 -13.45 -7.68
CA LYS A 55 -20.58 -14.33 -8.37
C LYS A 55 -19.84 -15.32 -9.26
N ALA A 56 -18.79 -14.87 -9.93
CA ALA A 56 -18.03 -15.75 -10.82
C ALA A 56 -17.30 -16.85 -10.06
N THR A 57 -17.02 -16.65 -8.77
CA THR A 57 -16.46 -17.68 -7.90
C THR A 57 -17.51 -18.55 -7.22
N ASN A 58 -18.78 -18.41 -7.58
CA ASN A 58 -19.85 -19.21 -7.00
C ASN A 58 -19.94 -18.94 -5.49
N ASN A 59 -19.63 -17.70 -5.06
CA ASN A 59 -19.69 -17.23 -3.67
C ASN A 59 -18.51 -17.74 -2.84
N ALA A 60 -17.54 -18.44 -3.42
CA ALA A 60 -16.41 -18.87 -2.61
C ALA A 60 -15.58 -17.69 -2.12
N MET A 61 -15.48 -16.63 -2.92
CA MET A 61 -14.80 -15.42 -2.47
C MET A 61 -15.44 -14.87 -1.20
N GLN A 62 -16.77 -14.81 -1.15
CA GLN A 62 -17.45 -14.29 0.04
C GLN A 62 -17.22 -15.18 1.26
N VAL A 63 -17.27 -16.51 1.07
CA VAL A 63 -17.05 -17.43 2.19
C VAL A 63 -15.65 -17.23 2.78
N GLU A 64 -14.64 -17.16 1.90
CA GLU A 64 -13.27 -16.92 2.36
C GLU A 64 -13.16 -15.57 3.04
N SER A 65 -13.81 -14.55 2.46
CA SER A 65 -13.76 -13.19 3.01
C SER A 65 -14.38 -13.11 4.40
N ASP A 66 -15.51 -13.79 4.61
CA ASP A 66 -16.16 -13.75 5.92
C ASP A 66 -15.28 -14.37 6.99
N ASP A 67 -14.57 -15.45 6.65
CA ASP A 67 -13.60 -16.03 7.58
C ASP A 67 -12.46 -15.04 7.87
N TYR A 68 -11.97 -14.35 6.83
CA TYR A 68 -10.91 -13.36 7.03
C TYR A 68 -11.36 -12.26 8.00
N ILE A 69 -12.57 -11.73 7.81
CA ILE A 69 -13.06 -10.65 8.67
C ILE A 69 -13.30 -11.15 10.09
N ALA A 70 -13.85 -12.35 10.22
CA ALA A 70 -14.08 -12.92 11.56
C ALA A 70 -12.78 -13.04 12.34
N THR A 71 -11.66 -13.28 11.66
CA THR A 71 -10.35 -13.41 12.31
C THR A 71 -9.67 -12.07 12.51
N ASN A 72 -9.75 -11.17 11.53
CA ASN A 72 -8.89 -9.99 11.50
C ASN A 72 -9.62 -8.67 11.68
N GLY A 73 -10.95 -8.65 11.58
CA GLY A 73 -11.66 -7.40 11.59
C GLY A 73 -11.56 -6.70 10.25
N PRO A 74 -12.24 -5.56 10.13
CA PRO A 74 -12.32 -4.86 8.85
C PRO A 74 -10.98 -4.32 8.39
N LEU A 75 -10.89 -4.13 7.07
CA LEU A 75 -9.77 -3.39 6.51
C LEU A 75 -9.91 -1.90 6.82
N LYS A 76 -8.84 -1.15 6.55
CA LYS A 76 -8.86 0.30 6.52
C LYS A 76 -9.24 0.79 5.13
N VAL A 77 -9.94 1.92 5.07
CA VAL A 77 -10.06 2.61 3.78
C VAL A 77 -8.66 3.01 3.33
N GLY A 78 -8.30 2.64 2.10
CA GLY A 78 -6.96 2.79 1.60
C GLY A 78 -6.12 1.53 1.75
N GLY A 79 -6.61 0.53 2.47
CA GLY A 79 -5.87 -0.68 2.73
C GLY A 79 -6.25 -1.83 1.82
N SER A 80 -5.66 -2.99 2.09
CA SER A 80 -5.84 -4.15 1.25
C SER A 80 -5.51 -5.43 2.02
N CYS A 81 -5.93 -6.54 1.43
CA CYS A 81 -5.47 -7.85 1.86
C CYS A 81 -5.38 -8.76 0.64
N VAL A 82 -4.51 -9.76 0.72
CA VAL A 82 -4.34 -10.77 -0.31
C VAL A 82 -5.08 -12.03 0.11
N LEU A 83 -6.02 -12.46 -0.72
CA LEU A 83 -6.72 -13.71 -0.50
C LEU A 83 -6.63 -14.53 -1.78
N SER A 84 -7.30 -15.68 -1.78
CA SER A 84 -7.29 -16.52 -2.98
C SER A 84 -7.93 -15.83 -4.17
N GLY A 85 -7.45 -16.16 -5.38
CA GLY A 85 -8.12 -15.75 -6.60
C GLY A 85 -9.12 -16.76 -7.11
N HIS A 86 -9.28 -17.89 -6.39
CA HIS A 86 -10.28 -18.91 -6.75
C HIS A 86 -10.08 -19.32 -8.20
N ASN A 87 -11.14 -19.34 -9.01
CA ASN A 87 -11.07 -19.76 -10.41
C ASN A 87 -10.68 -18.64 -11.35
N LEU A 88 -10.41 -17.44 -10.82
CA LEU A 88 -10.17 -16.26 -11.64
C LEU A 88 -8.71 -15.85 -11.75
N ALA A 89 -7.88 -16.20 -10.78
CA ALA A 89 -6.51 -15.70 -10.65
C ALA A 89 -5.83 -16.55 -9.58
N LYS A 90 -4.49 -16.47 -9.51
CA LYS A 90 -3.83 -17.10 -8.38
C LYS A 90 -4.28 -16.44 -7.08
N HIS A 91 -4.20 -15.11 -7.03
CA HIS A 91 -4.51 -14.30 -5.87
C HIS A 91 -5.51 -13.22 -6.23
N CYS A 92 -6.31 -12.82 -5.25
CA CYS A 92 -7.09 -11.61 -5.34
C CYS A 92 -6.58 -10.61 -4.32
N LEU A 93 -6.17 -9.43 -4.80
CA LEU A 93 -5.82 -8.31 -3.94
C LEU A 93 -7.08 -7.47 -3.73
N HIS A 94 -7.67 -7.57 -2.56
CA HIS A 94 -8.86 -6.78 -2.20
C HIS A 94 -8.38 -5.41 -1.74
N VAL A 95 -8.69 -4.36 -2.49
CA VAL A 95 -8.23 -3.01 -2.19
C VAL A 95 -9.44 -2.13 -1.94
N VAL A 96 -9.40 -1.35 -0.85
CA VAL A 96 -10.49 -0.47 -0.47
C VAL A 96 -10.14 0.95 -0.90
N GLY A 97 -10.76 1.35 -1.99
N GLY A 97 -10.71 1.38 -2.03
CA GLY A 97 -10.74 2.74 -2.33
CA GLY A 97 -10.68 2.77 -2.48
C GLY A 97 -11.79 3.47 -1.50
C GLY A 97 -11.75 3.53 -1.72
N PRO A 98 -11.67 4.79 -1.39
N PRO A 98 -11.55 4.81 -1.44
CA PRO A 98 -12.72 5.57 -0.75
CA PRO A 98 -12.58 5.58 -0.74
C PRO A 98 -14.01 5.53 -1.55
C PRO A 98 -13.87 5.66 -1.54
N ASN A 99 -15.14 5.40 -0.83
N ASN A 99 -15.00 5.50 -0.86
CA ASN A 99 -16.47 5.42 -1.44
CA ASN A 99 -16.31 5.80 -1.43
C ASN A 99 -17.05 6.82 -1.25
C ASN A 99 -16.70 7.20 -0.94
N VAL A 100 -17.11 7.58 -2.36
N VAL A 100 -16.69 8.18 -1.86
CA VAL A 100 -17.63 8.95 -2.29
CA VAL A 100 -16.96 9.59 -1.53
C VAL A 100 -19.07 8.95 -1.79
C VAL A 100 -18.41 9.81 -1.11
N ASN A 101 -19.84 7.92 -2.14
N ASN A 101 -19.30 8.88 -1.46
CA ASN A 101 -21.21 7.84 -1.67
CA ASN A 101 -20.69 8.95 -1.03
C ASN A 101 -21.32 7.50 -0.18
C ASN A 101 -20.87 8.58 0.43
N LYS A 102 -20.18 7.33 0.51
N LYS A 102 -19.88 7.92 1.05
CA LYS A 102 -20.14 7.28 1.97
CA LYS A 102 -19.96 7.67 2.49
C LYS A 102 -19.43 8.49 2.57
C LYS A 102 -19.09 8.64 3.29
N GLY A 103 -18.97 9.44 1.75
N GLY A 103 -18.71 9.78 2.68
CA GLY A 103 -18.30 10.61 2.26
CA GLY A 103 -17.94 10.82 3.36
C GLY A 103 -16.83 10.44 2.59
C GLY A 103 -16.45 10.51 3.38
N GLU A 104 -16.18 9.41 2.05
N GLU A 104 -16.02 9.45 2.69
CA GLU A 104 -14.80 9.11 2.41
CA GLU A 104 -14.62 9.05 2.71
C GLU A 104 -13.84 9.97 1.62
C GLU A 104 -13.72 10.02 1.92
N ASP A 105 -12.71 10.29 2.27
N ASP A 105 -12.49 10.14 2.38
CA ASP A 105 -11.80 11.28 1.76
CA ASP A 105 -11.53 11.16 1.94
C ASP A 105 -11.11 10.70 0.56
C ASP A 105 -10.85 10.75 0.61
N ILE A 106 -11.10 11.51 -0.47
CA ILE A 106 -10.60 11.13 -1.79
C ILE A 106 -9.08 11.05 -1.79
N GLN A 107 -8.43 11.77 -0.87
CA GLN A 107 -6.98 11.69 -0.72
C GLN A 107 -6.54 10.26 -0.43
N LEU A 108 -7.44 9.42 0.09
CA LEU A 108 -7.10 8.04 0.39
C LEU A 108 -7.01 7.20 -0.88
N LEU A 109 -7.42 7.75 -2.02
CA LEU A 109 -7.30 7.00 -3.27
C LEU A 109 -5.83 6.72 -3.61
N LYS A 110 -4.93 7.67 -3.35
CA LYS A 110 -3.53 7.41 -3.60
C LYS A 110 -3.02 6.27 -2.72
N SER A 111 -3.38 6.28 -1.43
CA SER A 111 -2.98 5.19 -0.54
C SER A 111 -3.50 3.86 -1.04
N ALA A 112 -4.74 3.83 -1.55
CA ALA A 112 -5.30 2.60 -2.08
C ALA A 112 -4.46 2.07 -3.25
N TYR A 113 -4.11 2.94 -4.20
CA TYR A 113 -3.31 2.50 -5.33
C TYR A 113 -1.89 2.06 -4.92
N GLU A 114 -1.36 2.61 -3.82
CA GLU A 114 -0.01 2.20 -3.38
C GLU A 114 0.05 0.71 -3.10
N ASN A 115 -1.07 0.09 -2.73
CA ASN A 115 -1.07 -1.36 -2.50
C ASN A 115 -0.65 -2.12 -3.76
N PHE A 116 -0.93 -1.56 -4.93
CA PHE A 116 -0.58 -2.26 -6.18
C PHE A 116 0.93 -2.44 -6.31
N ASN A 117 1.72 -1.57 -5.69
CA ASN A 117 3.17 -1.62 -5.86
C ASN A 117 3.80 -2.83 -5.20
N GLN A 118 3.06 -3.56 -4.38
CA GLN A 118 3.59 -4.78 -3.79
C GLN A 118 3.50 -5.98 -4.72
N HIS A 119 3.02 -5.79 -5.95
CA HIS A 119 2.79 -6.87 -6.91
C HIS A 119 3.35 -6.48 -8.26
N GLU A 120 4.15 -7.40 -8.81
N GLU A 120 4.16 -7.34 -8.87
CA GLU A 120 4.86 -7.03 -10.03
CA GLU A 120 4.84 -7.00 -10.11
C GLU A 120 3.94 -6.80 -11.25
C GLU A 120 3.88 -6.72 -11.26
N VAL A 121 2.81 -7.52 -11.34
CA VAL A 121 1.84 -7.39 -12.44
C VAL A 121 0.45 -7.62 -11.86
N LEU A 122 -0.52 -6.80 -12.28
CA LEU A 122 -1.89 -6.93 -11.80
C LEU A 122 -2.89 -6.63 -12.92
N LEU A 123 -4.01 -7.34 -12.87
CA LEU A 123 -5.22 -6.99 -13.60
C LEU A 123 -6.12 -6.28 -12.62
N ALA A 124 -6.67 -5.13 -12.98
N ALA A 124 -6.50 -5.05 -12.97
CA ALA A 124 -7.34 -4.39 -11.93
CA ALA A 124 -7.19 -4.22 -12.01
C ALA A 124 -8.45 -3.53 -12.54
C ALA A 124 -8.28 -3.38 -12.66
N PRO A 125 -9.43 -3.16 -11.74
N PRO A 125 -9.32 -3.07 -11.90
CA PRO A 125 -10.36 -2.12 -12.13
CA PRO A 125 -10.32 -2.12 -12.35
C PRO A 125 -9.83 -0.77 -11.66
C PRO A 125 -9.90 -0.72 -11.89
N LEU A 126 -10.45 0.29 -12.15
N LEU A 126 -10.66 0.26 -12.33
CA LEU A 126 -10.18 1.62 -11.64
CA LEU A 126 -10.48 1.61 -11.81
C LEU A 126 -10.78 1.83 -10.25
C LEU A 126 -11.02 1.66 -10.36
N LEU A 127 -9.90 2.01 -9.26
N LEU A 127 -10.31 2.34 -9.44
CA LEU A 127 -10.35 2.09 -7.88
CA LEU A 127 -10.77 2.39 -8.05
C LEU A 127 -11.25 3.31 -7.67
C LEU A 127 -11.54 3.69 -7.77
N SER A 128 -12.27 3.11 -6.84
N SER A 128 -12.55 3.61 -6.89
CA SER A 128 -13.25 4.12 -6.48
CA SER A 128 -13.39 4.73 -6.44
C SER A 128 -14.15 4.57 -7.64
C SER A 128 -14.33 5.30 -7.50
N ALA A 129 -14.06 3.91 -8.81
N ALA A 129 -14.40 4.74 -8.70
CA ALA A 129 -14.95 4.17 -9.93
CA ALA A 129 -15.25 5.26 -9.78
C ALA A 129 -16.29 3.49 -9.71
C ALA A 129 -16.53 4.43 -9.86
N GLY A 130 -17.15 3.51 -10.73
N GLY A 130 -17.30 4.62 -10.95
CA GLY A 130 -18.41 2.78 -10.65
CA GLY A 130 -18.56 3.90 -11.10
C GLY A 130 -19.21 3.22 -9.45
C GLY A 130 -19.38 4.10 -9.82
N ILE A 131 -19.76 2.24 -8.72
N ILE A 131 -19.91 3.00 -9.27
CA ILE A 131 -20.63 2.53 -7.58
CA ILE A 131 -20.84 3.11 -8.14
C ILE A 131 -19.91 3.21 -6.42
C ILE A 131 -20.20 3.62 -6.85
N PHE A 132 -18.57 3.27 -6.45
N PHE A 132 -18.86 3.83 -6.83
CA PHE A 132 -17.86 3.98 -5.39
CA PHE A 132 -18.18 4.36 -5.65
C PHE A 132 -17.85 5.49 -5.61
C PHE A 132 -18.25 5.89 -5.53
N GLY A 133 -18.34 5.96 -6.75
N GLY A 133 -18.74 6.62 -6.55
CA GLY A 133 -18.72 7.35 -6.89
CA GLY A 133 -19.12 8.03 -6.42
C GLY A 133 -17.64 8.36 -7.23
C GLY A 133 -18.08 9.06 -6.82
N ALA A 134 -16.40 7.91 -7.45
N ALA A 134 -16.84 8.68 -7.12
CA ALA A 134 -15.35 8.84 -7.85
CA ALA A 134 -15.82 9.67 -7.47
C ALA A 134 -15.33 9.01 -9.37
C ALA A 134 -15.55 9.70 -8.99
N ASP A 135 -14.69 10.07 -9.82
N ASP A 135 -14.77 10.71 -9.44
CA ASP A 135 -14.52 10.35 -11.24
CA ASP A 135 -14.55 10.97 -10.87
C ASP A 135 -13.49 9.38 -11.80
C ASP A 135 -13.57 9.96 -11.49
N PRO A 136 -13.86 8.48 -12.72
N PRO A 136 -13.95 9.25 -12.57
CA PRO A 136 -12.88 7.52 -13.25
CA PRO A 136 -13.01 8.26 -13.15
C PRO A 136 -11.67 8.18 -13.90
C PRO A 136 -11.78 8.86 -13.79
N ILE A 137 -11.82 9.37 -14.48
N ILE A 137 -11.87 10.02 -14.44
CA ILE A 137 -10.67 10.09 -15.02
CA ILE A 137 -10.66 10.62 -15.02
C ILE A 137 -9.68 10.52 -13.89
C ILE A 137 -9.64 10.83 -13.93
N HIS A 138 -10.12 11.21 -12.77
CA HIS A 138 -9.23 11.43 -11.61
C HIS A 138 -8.60 10.12 -11.14
N SER A 139 -9.40 9.07 -11.02
CA SER A 139 -8.86 7.79 -10.59
C SER A 139 -7.74 7.31 -11.51
N LEU A 140 -7.92 7.45 -12.83
CA LEU A 140 -6.88 7.04 -13.76
C LEU A 140 -5.61 7.87 -13.56
N ARG A 141 -5.77 9.17 -13.33
CA ARG A 141 -4.61 10.04 -13.12
C ARG A 141 -3.84 9.60 -11.88
N VAL A 142 -4.56 9.35 -10.77
CA VAL A 142 -3.89 8.89 -9.55
C VAL A 142 -3.19 7.56 -9.79
N CYS A 143 -3.87 6.65 -10.50
CA CYS A 143 -3.25 5.36 -10.82
C CYS A 143 -1.90 5.57 -11.53
N VAL A 144 -1.90 6.36 -12.59
CA VAL A 144 -0.70 6.56 -13.39
C VAL A 144 0.40 7.21 -12.56
N ASP A 145 0.02 8.12 -11.67
CA ASP A 145 0.99 8.87 -10.86
C ASP A 145 1.40 8.13 -9.58
N THR A 146 0.85 6.96 -9.31
CA THR A 146 1.11 6.25 -8.06
C THR A 146 1.68 4.86 -8.27
N VAL A 147 1.11 4.09 -9.20
CA VAL A 147 1.51 2.72 -9.42
C VAL A 147 2.74 2.70 -10.30
N ARG A 148 3.75 1.95 -9.87
CA ARG A 148 5.01 1.77 -10.57
C ARG A 148 5.18 0.38 -11.16
N THR A 149 4.41 -0.59 -10.68
CA THR A 149 4.41 -1.94 -11.21
C THR A 149 3.48 -1.99 -12.43
N ASN A 150 3.43 -3.14 -13.09
CA ASN A 150 2.72 -3.24 -14.38
C ASN A 150 1.25 -3.53 -14.12
N VAL A 151 0.39 -2.58 -14.49
CA VAL A 151 -1.04 -2.67 -14.21
C VAL A 151 -1.80 -2.65 -15.53
N TYR A 152 -2.70 -3.62 -15.66
CA TYR A 152 -3.60 -3.81 -16.79
C TYR A 152 -4.99 -3.46 -16.31
N LEU A 153 -5.51 -2.32 -16.73
CA LEU A 153 -6.80 -1.80 -16.29
C LEU A 153 -7.88 -2.28 -17.23
N ALA A 154 -8.86 -3.05 -16.65
N ALA A 154 -8.86 -3.00 -16.73
CA ALA A 154 -10.08 -3.49 -17.33
CA ALA A 154 -9.99 -3.36 -17.55
C ALA A 154 -11.18 -2.48 -17.02
C ALA A 154 -11.12 -2.38 -17.22
N VAL A 155 -11.78 -1.94 -18.07
N VAL A 155 -11.55 -1.62 -18.23
CA VAL A 155 -12.89 -0.99 -17.96
CA VAL A 155 -12.61 -0.62 -18.06
C VAL A 155 -14.12 -1.60 -18.64
C VAL A 155 -13.89 -1.14 -18.71
N PHE A 156 -15.15 -1.87 -17.84
N PHE A 156 -14.91 -1.44 -17.90
CA PHE A 156 -16.32 -2.59 -18.36
CA PHE A 156 -16.16 -2.07 -18.32
C PHE A 156 -17.06 -1.78 -19.42
C PHE A 156 -17.00 -1.17 -19.23
N ASP A 157 -17.27 -0.49 -19.17
N ASP A 157 -17.25 0.08 -18.81
CA ASP A 157 -18.14 0.32 -20.02
CA ASP A 157 -18.12 0.98 -19.57
C ASP A 157 -17.36 0.85 -21.22
C ASP A 157 -17.43 1.52 -20.85
N LYS A 158 -17.81 0.50 -22.43
N LYS A 158 -17.98 1.14 -22.01
CA LYS A 158 -17.11 0.92 -23.64
CA LYS A 158 -17.48 1.58 -23.31
C LYS A 158 -17.11 2.44 -23.77
C LYS A 158 -17.34 3.09 -23.34
N ASN A 159 -18.24 3.08 -23.48
N ASN A 159 -18.43 3.76 -23.00
CA ASN A 159 -18.31 4.54 -23.54
CA ASN A 159 -18.47 5.22 -23.03
C ASN A 159 -17.31 5.19 -22.59
C ASN A 159 -17.47 5.82 -22.04
N LEU A 160 -17.21 4.68 -21.37
N LEU A 160 -17.22 5.14 -20.90
CA LEU A 160 -16.32 5.28 -20.38
CA LEU A 160 -16.15 5.55 -19.99
C LEU A 160 -14.90 5.27 -20.82
C LEU A 160 -14.76 5.33 -20.63
N TYR A 161 -14.53 4.15 -21.24
CA TYR A 161 -13.22 3.83 -21.79
C TYR A 161 -12.82 4.80 -22.87
N ASP A 162 -13.58 4.73 -23.95
N ASP A 162 -13.73 5.13 -23.79
CA ASP A 162 -13.25 5.64 -25.03
CA ASP A 162 -13.43 6.11 -24.84
C ASP A 162 -13.04 7.04 -24.50
C ASP A 162 -13.14 7.49 -24.25
N LYS A 163 -13.77 7.43 -23.44
N LYS A 163 -13.92 7.91 -23.26
CA LYS A 163 -13.58 8.75 -22.85
CA LYS A 163 -13.69 9.19 -22.60
C LYS A 163 -12.23 8.90 -22.19
C LYS A 163 -12.35 9.21 -21.85
N LEU A 164 -11.98 8.09 -21.20
CA LEU A 164 -10.71 8.05 -20.46
C LEU A 164 -9.53 8.17 -21.42
N VAL A 165 -9.58 7.45 -22.54
CA VAL A 165 -8.50 7.50 -23.53
C VAL A 165 -8.41 8.90 -24.13
N SER A 166 -9.53 9.44 -24.59
CA SER A 166 -9.53 10.72 -25.31
C SER A 166 -9.11 11.88 -24.43
N SER A 167 -9.31 11.78 -23.12
CA SER A 167 -8.97 12.86 -22.19
C SER A 167 -7.65 12.62 -21.48
N PHE A 168 -6.94 11.53 -21.79
CA PHE A 168 -5.73 11.20 -21.05
C PHE A 168 -4.61 12.13 -21.44
N LEU A 169 -3.74 12.43 -20.50
N LEU A 169 -3.88 12.65 -20.43
CA LEU A 169 -2.65 13.29 -20.81
CA LEU A 169 -2.73 13.52 -20.66
C LEU A 169 -1.33 12.57 -20.66
C LEU A 169 -1.43 12.74 -20.53
N SER B 1 -5.09 9.43 29.74
N SER B 1 -5.22 9.24 29.67
CA SER B 1 -3.76 8.91 29.37
CA SER B 1 -3.88 8.71 29.30
C SER B 1 -3.17 9.61 28.16
C SER B 1 -3.25 9.45 28.12
N MET B 2 -1.84 9.67 28.14
N MET B 2 -1.93 9.56 28.22
CA MET B 2 -1.08 10.35 27.10
CA MET B 2 -1.09 10.29 27.28
C MET B 2 -0.52 9.30 26.15
C MET B 2 -0.50 9.30 26.28
N VAL B 3 -0.96 9.35 24.89
N VAL B 3 -0.91 9.40 25.01
CA VAL B 3 -0.37 8.57 23.83
CA VAL B 3 -0.34 8.62 23.92
C VAL B 3 -0.04 9.52 22.70
C VAL B 3 0.05 9.59 22.80
N ASN B 4 0.97 9.15 21.93
CA ASN B 4 1.40 9.96 20.79
C ASN B 4 1.77 11.38 21.23
N SER B 5 2.47 11.50 22.35
N SER B 5 2.51 11.47 22.34
CA SER B 5 2.86 12.79 22.90
CA SER B 5 2.88 12.77 22.91
C SER B 5 4.29 13.06 22.44
C SER B 5 4.30 13.12 22.46
N PHE B 6 4.39 13.48 21.19
CA PHE B 6 5.66 13.81 20.56
C PHE B 6 6.03 15.25 20.91
N SER B 7 7.30 15.42 21.36
N SER B 7 7.22 15.50 21.38
CA SER B 7 7.79 16.72 21.79
CA SER B 7 7.57 16.87 21.73
C SER B 7 9.24 16.90 21.36
C SER B 7 9.00 17.19 21.31
N GLY B 8 9.59 18.16 21.06
N GLY B 8 9.20 18.43 20.86
CA GLY B 8 10.95 18.50 20.69
CA GLY B 8 10.53 18.90 20.53
C GLY B 8 11.34 18.14 19.27
C GLY B 8 11.01 18.44 19.18
N TYR B 9 10.35 17.94 18.39
N TYR B 9 10.10 18.10 18.28
CA TYR B 9 10.64 17.63 17.00
CA TYR B 9 10.45 17.74 16.90
C TYR B 9 10.73 18.91 16.18
C TYR B 9 10.52 18.98 16.03
N LEU B 10 11.57 18.84 15.15
N LEU B 10 11.42 18.92 15.08
CA LEU B 10 11.71 19.91 14.18
CA LEU B 10 11.60 19.95 14.07
C LEU B 10 10.87 19.58 12.95
C LEU B 10 10.73 19.60 12.86
N LYS B 11 10.08 20.54 12.50
N LYS B 11 9.88 20.55 12.45
CA LYS B 11 9.18 20.35 11.37
CA LYS B 11 9.04 20.36 11.28
C LYS B 11 9.97 20.45 10.05
C LYS B 11 9.90 20.46 10.02
N LEU B 12 9.86 19.43 9.19
CA LEU B 12 10.48 19.49 7.86
C LEU B 12 9.46 19.78 6.78
N THR B 13 8.32 19.12 6.83
CA THR B 13 7.19 19.37 5.95
C THR B 13 5.96 19.37 6.83
N ASP B 14 4.81 19.57 6.21
N ASP B 14 4.78 19.57 6.22
CA ASP B 14 3.58 19.58 6.97
CA ASP B 14 3.54 19.58 7.00
C ASP B 14 3.31 18.27 7.69
C ASP B 14 3.31 18.25 7.72
N ASN B 15 3.92 17.15 7.25
CA ASN B 15 3.68 15.85 7.87
C ASN B 15 4.93 15.11 8.32
N VAL B 16 6.13 15.63 8.08
CA VAL B 16 7.36 14.94 8.45
C VAL B 16 8.10 15.79 9.48
N TYR B 17 8.44 15.18 10.61
CA TYR B 17 9.08 15.82 11.74
C TYR B 17 10.30 14.99 12.12
N ILE B 18 11.30 15.64 12.74
CA ILE B 18 12.57 14.97 13.01
C ILE B 18 13.13 15.44 14.35
N LYS B 19 13.81 14.52 15.05
CA LYS B 19 14.37 14.78 16.36
C LYS B 19 15.65 13.97 16.52
N ASN B 20 16.64 14.55 17.19
CA ASN B 20 17.85 13.83 17.60
C ASN B 20 17.49 13.08 18.88
N ALA B 21 17.26 11.77 18.78
CA ALA B 21 16.76 10.98 19.88
C ALA B 21 17.04 9.50 19.63
N ASP B 22 17.15 8.75 20.73
CA ASP B 22 17.18 7.28 20.77
C ASP B 22 15.73 6.79 20.64
N ILE B 23 15.45 6.03 19.57
CA ILE B 23 14.06 5.65 19.26
C ILE B 23 13.44 4.81 20.37
N VAL B 24 14.23 4.00 21.09
CA VAL B 24 13.68 3.22 22.20
C VAL B 24 13.26 4.14 23.33
N GLU B 25 14.14 5.07 23.73
CA GLU B 25 13.80 6.05 24.76
C GLU B 25 12.62 6.91 24.32
N GLU B 26 12.59 7.30 23.06
CA GLU B 26 11.46 8.08 22.54
C GLU B 26 10.17 7.29 22.65
N ALA B 27 10.19 6.02 22.23
CA ALA B 27 8.99 5.21 22.29
C ALA B 27 8.45 5.12 23.72
N LYS B 28 9.35 4.94 24.70
CA LYS B 28 8.89 4.79 26.08
C LYS B 28 8.30 6.08 26.61
N LYS B 29 8.74 7.20 26.09
N LYS B 29 8.79 7.24 26.13
CA LYS B 29 8.25 8.47 26.56
CA LYS B 29 8.31 8.56 26.56
C LYS B 29 6.99 8.92 25.82
C LYS B 29 7.05 9.01 25.81
N VAL B 30 6.99 8.77 24.50
CA VAL B 30 5.91 9.26 23.63
C VAL B 30 4.67 8.38 23.73
N LYS B 31 4.86 7.10 24.02
N LYS B 31 4.87 7.10 23.99
CA LYS B 31 3.79 6.10 23.99
CA LYS B 31 3.80 6.12 24.02
C LYS B 31 3.05 6.12 22.66
C LYS B 31 3.05 6.13 22.68
N PRO B 32 3.74 5.86 21.57
CA PRO B 32 3.09 5.94 20.26
C PRO B 32 2.19 4.75 19.99
N THR B 33 1.15 5.00 19.18
CA THR B 33 0.35 3.90 18.66
C THR B 33 1.20 2.95 17.83
N VAL B 34 2.13 3.50 17.03
CA VAL B 34 2.93 2.70 16.11
C VAL B 34 4.39 3.12 16.22
N VAL B 35 5.27 2.16 16.48
CA VAL B 35 6.71 2.34 16.25
C VAL B 35 7.10 1.48 15.06
N VAL B 36 7.91 2.04 14.17
CA VAL B 36 8.39 1.33 13.00
C VAL B 36 9.71 0.64 13.33
N ASN B 37 9.82 -0.62 12.95
CA ASN B 37 11.08 -1.35 13.00
C ASN B 37 11.69 -1.41 11.61
N ALA B 38 13.01 -1.23 11.58
CA ALA B 38 13.84 -1.45 10.39
C ALA B 38 14.12 -2.94 10.27
N ALA B 39 13.13 -3.65 9.73
CA ALA B 39 13.12 -5.11 9.69
C ALA B 39 13.80 -5.68 8.45
N ASN B 40 14.10 -6.96 8.50
CA ASN B 40 14.43 -7.75 7.34
C ASN B 40 13.33 -8.78 7.07
N VAL B 41 13.42 -9.47 5.93
CA VAL B 41 12.28 -10.29 5.46
C VAL B 41 11.97 -11.43 6.41
N TYR B 42 12.96 -11.93 7.16
CA TYR B 42 12.72 -13.02 8.09
C TYR B 42 12.53 -12.53 9.53
N LEU B 43 12.39 -11.22 9.72
CA LEU B 43 12.16 -10.64 11.04
C LEU B 43 13.17 -11.16 12.06
N LYS B 44 14.43 -11.20 11.66
CA LYS B 44 15.54 -11.58 12.54
C LYS B 44 16.17 -10.28 13.03
N HIS B 45 15.90 -9.95 14.30
CA HIS B 45 16.17 -8.62 14.83
C HIS B 45 17.54 -8.59 15.51
N GLY B 46 18.57 -8.61 14.69
CA GLY B 46 19.92 -8.75 15.21
C GLY B 46 20.64 -7.47 15.57
N GLY B 47 20.61 -6.49 14.67
CA GLY B 47 21.47 -5.33 14.74
C GLY B 47 20.69 -4.03 14.56
N GLY B 48 21.41 -2.92 14.71
CA GLY B 48 20.79 -1.61 14.49
C GLY B 48 19.51 -1.43 15.27
N VAL B 49 18.55 -0.75 14.62
CA VAL B 49 17.27 -0.46 15.26
C VAL B 49 16.57 -1.72 15.71
N ALA B 50 16.53 -2.74 14.84
CA ALA B 50 15.77 -3.94 15.20
C ALA B 50 16.36 -4.63 16.42
N GLY B 51 17.68 -4.70 16.51
CA GLY B 51 18.29 -5.27 17.69
C GLY B 51 17.96 -4.49 18.95
N ALA B 52 17.97 -3.17 18.86
CA ALA B 52 17.65 -2.34 20.02
C ALA B 52 16.20 -2.48 20.44
N LEU B 53 15.27 -2.47 19.48
CA LEU B 53 13.85 -2.63 19.84
C LEU B 53 13.63 -4.00 20.47
N ASN B 54 14.18 -5.05 19.86
CA ASN B 54 13.97 -6.39 20.40
C ASN B 54 14.55 -6.51 21.80
N LYS B 55 15.75 -5.98 22.02
CA LYS B 55 16.34 -6.03 23.35
C LYS B 55 15.45 -5.34 24.38
N ALA B 56 14.86 -4.19 24.01
CA ALA B 56 14.00 -3.46 24.94
C ALA B 56 12.80 -4.30 25.34
N THR B 57 12.32 -5.19 24.45
CA THR B 57 11.21 -6.09 24.75
C THR B 57 11.65 -7.36 25.45
N ASN B 58 12.93 -7.47 25.84
CA ASN B 58 13.43 -8.68 26.48
C ASN B 58 13.19 -9.90 25.59
N ASN B 59 13.35 -9.73 24.28
CA ASN B 59 13.28 -10.79 23.26
C ASN B 59 11.85 -11.20 22.95
N ALA B 60 10.84 -10.57 23.56
CA ALA B 60 9.45 -10.94 23.23
C ALA B 60 9.15 -10.65 21.76
N MET B 61 9.70 -9.58 21.22
CA MET B 61 9.49 -9.27 19.81
C MET B 61 10.00 -10.39 18.93
N GLN B 62 11.18 -10.93 19.23
CA GLN B 62 11.74 -12.00 18.40
C GLN B 62 10.89 -13.26 18.48
N VAL B 63 10.43 -13.63 19.67
CA VAL B 63 9.60 -14.82 19.81
C VAL B 63 8.33 -14.67 18.99
N GLU B 64 7.68 -13.52 19.12
CA GLU B 64 6.46 -13.25 18.35
C GLU B 64 6.74 -13.26 16.86
N SER B 65 7.87 -12.68 16.45
CA SER B 65 8.24 -12.62 15.04
C SER B 65 8.48 -14.01 14.45
N ASP B 66 9.19 -14.87 15.19
CA ASP B 66 9.44 -16.22 14.67
C ASP B 66 8.13 -16.98 14.49
N ASP B 67 7.20 -16.84 15.42
N ASP B 67 7.18 -16.80 15.39
CA ASP B 67 5.89 -17.45 15.23
CA ASP B 67 5.85 -17.40 15.23
C ASP B 67 5.16 -16.88 14.00
C ASP B 67 5.14 -16.85 13.99
N TYR B 68 5.22 -15.54 13.79
CA TYR B 68 4.62 -14.94 12.60
C TYR B 68 5.20 -15.55 11.33
N ILE B 69 6.53 -15.72 11.29
CA ILE B 69 7.20 -16.29 10.12
C ILE B 69 6.79 -17.75 9.91
N ALA B 70 6.74 -18.55 11.00
N ALA B 70 6.66 -18.51 10.98
CA ALA B 70 6.32 -19.95 10.87
CA ALA B 70 6.25 -19.90 10.81
C ALA B 70 4.94 -20.06 10.22
C ALA B 70 4.89 -19.97 10.11
N THR B 71 4.04 -19.14 10.57
N THR B 71 3.99 -19.07 10.46
CA THR B 71 2.68 -19.19 10.05
CA THR B 71 2.62 -19.07 9.93
C THR B 71 2.58 -18.59 8.65
C THR B 71 2.53 -18.46 8.54
N ASN B 72 3.35 -17.54 8.36
N ASN B 72 3.32 -17.43 8.26
CA ASN B 72 3.13 -16.71 7.18
CA ASN B 72 3.11 -16.61 7.08
C ASN B 72 4.24 -16.68 6.14
C ASN B 72 4.28 -16.60 6.10
N GLY B 73 5.45 -17.13 6.48
CA GLY B 73 6.60 -17.01 5.62
C GLY B 73 7.18 -15.60 5.64
N PRO B 74 8.29 -15.43 4.93
CA PRO B 74 8.99 -14.15 4.93
C PRO B 74 8.20 -13.05 4.25
N LEU B 75 8.48 -11.82 4.67
CA LEU B 75 7.95 -10.65 4.00
C LEU B 75 8.65 -10.46 2.67
N LYS B 76 8.09 -9.58 1.83
CA LYS B 76 8.73 -9.07 0.63
C LYS B 76 9.60 -7.87 1.00
N VAL B 77 10.74 -7.71 0.32
CA VAL B 77 11.44 -6.43 0.40
C VAL B 77 10.50 -5.35 -0.10
N GLY B 78 10.32 -4.29 0.70
CA GLY B 78 9.34 -3.25 0.43
C GLY B 78 8.02 -3.45 1.13
N GLY B 79 7.82 -4.62 1.76
CA GLY B 79 6.60 -4.92 2.47
C GLY B 79 6.71 -4.69 3.98
N SER B 80 5.62 -5.05 4.67
CA SER B 80 5.53 -4.81 6.10
C SER B 80 4.53 -5.78 6.74
N CYS B 81 4.60 -5.85 8.06
CA CYS B 81 3.54 -6.49 8.84
C CYS B 81 3.38 -5.74 10.15
N VAL B 82 2.19 -5.83 10.72
CA VAL B 82 1.87 -5.22 12.01
C VAL B 82 1.87 -6.31 13.07
N LEU B 83 2.70 -6.12 14.11
CA LEU B 83 2.75 -7.01 15.25
C LEU B 83 2.61 -6.17 16.52
N SER B 84 2.69 -6.83 17.68
CA SER B 84 2.60 -6.07 18.93
C SER B 84 3.79 -5.12 19.09
N GLY B 85 3.55 -4.01 19.78
CA GLY B 85 4.59 -3.11 20.20
C GLY B 85 5.13 -3.36 21.59
N HIS B 86 4.62 -4.36 22.31
CA HIS B 86 5.19 -4.78 23.60
C HIS B 86 5.25 -3.59 24.56
N ASN B 87 6.40 -3.29 25.15
CA ASN B 87 6.54 -2.16 26.06
C ASN B 87 6.93 -0.87 25.35
N LEU B 88 6.89 -0.84 24.02
CA LEU B 88 7.32 0.32 23.23
C LEU B 88 6.16 1.08 22.60
N ALA B 89 5.08 0.40 22.25
CA ALA B 89 4.03 1.00 21.44
C ALA B 89 2.84 0.05 21.45
N LYS B 90 1.68 0.57 20.98
N LYS B 90 1.69 0.53 21.02
CA LYS B 90 0.54 -0.33 20.77
CA LYS B 90 0.59 -0.41 20.82
C LYS B 90 0.90 -1.41 19.75
C LYS B 90 1.00 -1.46 19.78
N HIS B 91 1.51 -1.00 18.64
CA HIS B 91 1.88 -1.86 17.53
C HIS B 91 3.31 -1.55 17.10
N CYS B 92 3.97 -2.56 16.58
CA CYS B 92 5.20 -2.37 15.82
C CYS B 92 4.91 -2.68 14.35
N LEU B 93 5.17 -1.71 13.48
CA LEU B 93 5.10 -1.90 12.04
C LEU B 93 6.50 -2.30 11.56
N HIS B 94 6.68 -3.57 11.23
CA HIS B 94 7.96 -4.09 10.75
C HIS B 94 8.00 -3.82 9.25
N VAL B 95 8.88 -2.90 8.81
CA VAL B 95 8.97 -2.50 7.41
C VAL B 95 10.33 -2.91 6.86
N VAL B 96 10.34 -3.55 5.71
CA VAL B 96 11.58 -4.03 5.09
C VAL B 96 11.99 -3.06 4.00
N GLY B 97 12.96 -2.19 4.29
CA GLY B 97 13.64 -1.42 3.27
C GLY B 97 14.71 -2.26 2.62
N PRO B 98 15.11 -1.90 1.40
CA PRO B 98 16.22 -2.60 0.77
C PRO B 98 17.52 -2.39 1.53
N ASN B 99 18.31 -3.44 1.58
N ASN B 99 18.27 -3.50 1.72
CA ASN B 99 19.62 -3.42 2.20
CA ASN B 99 19.60 -3.53 2.35
C ASN B 99 20.66 -3.30 1.11
C ASN B 99 20.66 -3.50 1.24
N VAL B 100 21.17 -2.09 0.91
N VAL B 100 21.18 -2.30 0.93
CA VAL B 100 22.17 -1.87 -0.13
CA VAL B 100 22.20 -2.09 -0.10
C VAL B 100 23.43 -2.65 0.16
C VAL B 100 23.47 -2.86 0.26
N ASN B 101 23.75 -2.86 1.45
N ASN B 101 23.77 -2.99 1.55
CA ASN B 101 24.91 -3.66 1.81
CA ASN B 101 24.94 -3.77 2.00
C ASN B 101 24.75 -5.11 1.39
C ASN B 101 24.80 -5.25 1.65
N LYS B 102 23.54 -5.53 1.02
N LYS B 102 23.61 -5.66 1.19
CA LYS B 102 23.30 -6.87 0.49
CA LYS B 102 23.38 -6.96 0.56
C LYS B 102 22.93 -6.85 -0.99
C LYS B 102 23.02 -6.79 -0.92
N GLY B 103 23.16 -5.74 -1.67
N GLY B 103 23.26 -5.61 -1.48
CA GLY B 103 22.91 -5.65 -3.10
CA GLY B 103 23.12 -5.34 -2.91
C GLY B 103 21.47 -5.47 -3.49
C GLY B 103 21.69 -5.22 -3.40
N GLU B 104 20.57 -5.18 -2.56
N GLU B 104 20.72 -4.99 -2.51
CA GLU B 104 19.16 -5.03 -2.87
CA GLU B 104 19.31 -4.91 -2.88
C GLU B 104 18.90 -3.66 -3.50
C GLU B 104 19.03 -3.59 -3.59
N ASP B 105 17.87 -3.62 -4.35
N ASP B 105 17.93 -3.55 -4.33
CA ASP B 105 17.64 -2.45 -5.19
CA ASP B 105 17.63 -2.39 -5.17
C ASP B 105 17.13 -1.29 -4.34
C ASP B 105 17.07 -1.28 -4.29
N ILE B 106 17.90 -0.20 -4.30
N ILE B 106 17.90 -0.26 -4.04
CA ILE B 106 17.50 1.00 -3.59
CA ILE B 106 17.50 0.98 -3.39
C ILE B 106 16.18 1.55 -4.10
C ILE B 106 16.19 1.49 -3.95
N GLN B 107 15.80 1.21 -5.35
N GLN B 107 15.86 1.12 -5.20
CA GLN B 107 14.53 1.66 -5.89
CA GLN B 107 14.60 1.56 -5.81
C GLN B 107 13.34 1.19 -5.06
C GLN B 107 13.39 1.10 -5.01
N LEU B 108 13.48 0.11 -4.30
N LEU B 108 13.49 -0.01 -4.25
CA LEU B 108 12.38 -0.43 -3.48
CA LEU B 108 12.38 -0.50 -3.43
C LEU B 108 12.11 0.37 -2.21
C LEU B 108 12.12 0.34 -2.18
N LEU B 109 12.92 1.37 -1.94
CA LEU B 109 12.73 2.20 -0.76
C LEU B 109 11.42 2.99 -0.79
N LYS B 110 10.96 3.42 -1.97
CA LYS B 110 9.68 4.13 -2.03
C LYS B 110 8.55 3.20 -1.63
N SER B 111 8.54 1.96 -2.16
CA SER B 111 7.53 0.98 -1.75
C SER B 111 7.56 0.77 -0.24
N ALA B 112 8.75 0.70 0.35
CA ALA B 112 8.84 0.48 1.79
C ALA B 112 8.18 1.64 2.54
N TYR B 113 8.47 2.89 2.15
CA TYR B 113 7.86 4.02 2.83
C TYR B 113 6.35 4.09 2.63
N GLU B 114 5.84 3.59 1.50
CA GLU B 114 4.38 3.63 1.29
C GLU B 114 3.64 2.91 2.41
N ASN B 115 4.27 1.95 3.07
CA ASN B 115 3.60 1.26 4.17
C ASN B 115 3.21 2.24 5.27
N PHE B 116 3.99 3.31 5.45
CA PHE B 116 3.70 4.26 6.51
C PHE B 116 2.34 4.92 6.30
N ASN B 117 1.87 5.04 5.04
CA ASN B 117 0.62 5.74 4.75
C ASN B 117 -0.60 5.00 5.26
N GLN B 118 -0.45 3.76 5.71
CA GLN B 118 -1.56 3.02 6.31
C GLN B 118 -1.75 3.32 7.79
N HIS B 119 -1.00 4.29 8.35
CA HIS B 119 -1.07 4.63 9.77
C HIS B 119 -1.07 6.13 9.90
N GLU B 120 -1.99 6.68 10.69
N GLU B 120 -2.00 6.67 10.71
CA GLU B 120 -2.15 8.14 10.72
CA GLU B 120 -2.17 8.12 10.76
C GLU B 120 -0.95 8.81 11.38
C GLU B 120 -0.97 8.81 11.39
N VAL B 121 -0.30 8.14 12.33
CA VAL B 121 0.86 8.72 13.01
C VAL B 121 1.81 7.61 13.42
N LEU B 122 3.11 7.82 13.22
CA LEU B 122 4.14 6.82 13.48
C LEU B 122 5.40 7.47 14.06
N LEU B 123 6.05 6.74 14.96
CA LEU B 123 7.44 7.01 15.36
C LEU B 123 8.33 6.06 14.54
N ALA B 124 9.35 6.60 13.86
CA ALA B 124 10.08 5.78 12.90
C ALA B 124 11.54 6.14 12.80
N PRO B 125 12.37 5.18 12.40
CA PRO B 125 13.72 5.48 11.92
C PRO B 125 13.69 5.74 10.41
N LEU B 126 14.81 6.23 9.89
CA LEU B 126 14.99 6.33 8.44
C LEU B 126 15.24 4.95 7.84
N LEU B 127 14.39 4.55 6.90
CA LEU B 127 14.49 3.22 6.32
C LEU B 127 15.75 3.10 5.45
N SER B 128 16.33 1.91 5.46
CA SER B 128 17.48 1.53 4.65
C SER B 128 18.75 2.26 5.06
N ALA B 129 18.71 3.06 6.14
CA ALA B 129 19.89 3.77 6.65
C ALA B 129 20.73 2.84 7.52
N GLY B 130 21.84 3.40 8.01
CA GLY B 130 22.65 2.70 8.99
C GLY B 130 23.19 1.42 8.43
N ILE B 131 22.92 0.34 9.15
N ILE B 131 22.96 0.32 9.17
CA ILE B 131 23.48 -0.95 8.77
CA ILE B 131 23.52 -0.98 8.81
C ILE B 131 22.92 -1.48 7.48
C ILE B 131 22.97 -1.47 7.47
N PHE B 132 21.86 -0.88 6.98
CA PHE B 132 21.31 -1.26 5.69
C PHE B 132 22.04 -0.59 4.52
N GLY B 133 22.85 0.45 4.77
CA GLY B 133 23.81 0.94 3.77
C GLY B 133 23.34 1.99 2.78
N ALA B 134 22.09 2.45 2.84
CA ALA B 134 21.67 3.53 1.94
C ALA B 134 22.11 4.88 2.50
N ASP B 135 22.11 5.90 1.62
N ASP B 135 22.19 5.87 1.63
CA ASP B 135 22.42 7.27 2.01
CA ASP B 135 22.48 7.22 2.06
C ASP B 135 21.27 7.81 2.85
C ASP B 135 21.29 7.74 2.87
N PRO B 136 21.49 8.13 4.14
CA PRO B 136 20.35 8.63 4.93
C PRO B 136 19.74 9.90 4.34
N ILE B 137 20.51 10.78 3.67
N ILE B 137 20.53 10.70 3.64
CA ILE B 137 19.94 11.94 2.99
CA ILE B 137 19.99 11.88 2.97
C ILE B 137 18.95 11.48 1.92
C ILE B 137 18.98 11.47 1.92
N HIS B 138 19.30 10.42 1.17
CA HIS B 138 18.35 9.88 0.19
C HIS B 138 17.13 9.28 0.88
N SER B 139 17.32 8.60 2.00
CA SER B 139 16.17 8.02 2.69
C SER B 139 15.22 9.10 3.16
N LEU B 140 15.74 10.21 3.67
CA LEU B 140 14.89 11.31 4.10
C LEU B 140 14.13 11.89 2.91
N ARG B 141 14.82 12.03 1.78
CA ARG B 141 14.19 12.48 0.54
C ARG B 141 13.00 11.63 0.17
N VAL B 142 13.21 10.31 0.08
CA VAL B 142 12.13 9.41 -0.27
C VAL B 142 11.01 9.48 0.77
N CYS B 143 11.36 9.55 2.05
CA CYS B 143 10.35 9.68 3.10
C CYS B 143 9.45 10.88 2.83
N VAL B 144 10.07 12.04 2.63
CA VAL B 144 9.28 13.26 2.47
C VAL B 144 8.45 13.22 1.20
N ASP B 145 8.95 12.58 0.15
CA ASP B 145 8.25 12.53 -1.13
C ASP B 145 7.25 11.40 -1.21
N THR B 146 7.15 10.56 -0.18
CA THR B 146 6.27 9.40 -0.22
C THR B 146 5.25 9.37 0.91
N VAL B 147 5.67 9.68 2.13
CA VAL B 147 4.78 9.58 3.28
C VAL B 147 3.91 10.83 3.35
N ARG B 148 2.61 10.62 3.54
CA ARG B 148 1.64 11.70 3.68
C ARG B 148 1.00 11.72 5.06
N THR B 149 1.10 10.63 5.82
CA THR B 149 0.66 10.60 7.21
C THR B 149 1.73 11.21 8.10
N ASN B 150 1.44 11.34 9.39
CA ASN B 150 2.33 12.08 10.28
C ASN B 150 3.44 11.17 10.78
N VAL B 151 4.67 11.44 10.34
CA VAL B 151 5.81 10.61 10.70
C VAL B 151 6.81 11.44 11.51
N TYR B 152 7.18 10.89 12.67
CA TYR B 152 8.12 11.49 13.61
C TYR B 152 9.39 10.63 13.56
N LEU B 153 10.45 11.17 12.95
CA LEU B 153 11.70 10.45 12.73
C LEU B 153 12.65 10.69 13.88
N ALA B 154 13.20 9.61 14.41
CA ALA B 154 14.22 9.64 15.47
C ALA B 154 15.56 9.29 14.85
N VAL B 155 16.52 10.21 15.00
CA VAL B 155 17.88 10.03 14.50
C VAL B 155 18.80 10.08 15.71
N PHE B 156 19.49 8.98 15.95
CA PHE B 156 20.29 8.84 17.18
C PHE B 156 21.50 9.77 17.20
N ASP B 157 22.30 9.78 16.14
CA ASP B 157 23.56 10.51 16.16
C ASP B 157 23.32 11.99 15.85
N LYS B 158 23.72 12.83 16.80
N LYS B 158 23.65 12.89 16.81
CA LYS B 158 23.54 14.27 16.64
CA LYS B 158 23.49 14.34 16.60
C LYS B 158 24.17 14.78 15.34
C LYS B 158 24.17 14.82 15.33
N ASN B 159 25.33 14.24 14.99
CA ASN B 159 26.05 14.69 13.80
C ASN B 159 25.35 14.28 12.50
N LEU B 160 24.70 13.11 12.48
CA LEU B 160 23.88 12.75 11.33
C LEU B 160 22.61 13.60 11.29
N TYR B 161 21.98 13.83 12.45
CA TYR B 161 20.82 14.72 12.53
C TYR B 161 21.16 16.07 11.90
N ASP B 162 22.29 16.65 12.28
CA ASP B 162 22.68 17.95 11.75
C ASP B 162 22.90 17.89 10.24
N LYS B 163 23.52 16.81 9.77
N LYS B 163 23.53 16.82 9.75
CA LYS B 163 23.72 16.68 8.34
CA LYS B 163 23.75 16.67 8.30
C LYS B 163 22.39 16.61 7.60
C LYS B 163 22.41 16.56 7.57
N LEU B 164 21.44 15.84 8.16
CA LEU B 164 20.12 15.69 7.54
C LEU B 164 19.35 17.02 7.52
N VAL B 165 19.31 17.73 8.66
CA VAL B 165 18.54 18.96 8.75
C VAL B 165 19.20 20.04 7.89
N SER B 166 20.53 20.17 8.05
CA SER B 166 21.27 21.28 7.44
C SER B 166 21.18 21.20 5.93
N SER B 167 21.10 20.00 5.37
CA SER B 167 21.05 19.78 3.93
C SER B 167 19.64 19.62 3.36
N PHE B 168 18.61 19.52 4.20
CA PHE B 168 17.24 19.32 3.70
C PHE B 168 16.77 20.53 2.90
N LEU B 169 17.19 21.72 3.31
N LEU B 169 17.15 21.70 3.36
CA LEU B 169 16.76 22.96 2.67
CA LEU B 169 16.76 22.96 2.75
C LEU B 169 17.82 24.04 2.77
C LEU B 169 17.88 23.98 2.92
#